data_9FQI
#
_entry.id   9FQI
#
_cell.length_a   57.558
_cell.length_b   74.127
_cell.length_c   97.326
_cell.angle_alpha   90.00
_cell.angle_beta   90.00
_cell.angle_gamma   90.00
#
_symmetry.space_group_name_H-M   'P 21 21 21'
#
loop_
_entity.id
_entity.type
_entity.pdbx_description
1 polymer 'E3 ubiquitin-protein ligase CBL-B'
2 non-polymer 8-[3-[(4~{R})-4-methyl-2-oxidanylidene-piperidin-4-yl]phenyl]-3-[[(3~{S})-3-methylpiperidin-1-yl]methyl]-5-(trifluoromethyl)-1$l^{4},7,8-triazabicyclo[4.3.0]nona-1(6),2,4-trien-9-one
3 non-polymer 'ZINC ION'
4 non-polymer 'SODIUM ION'
5 water water
#
_entity_poly.entity_id   1
_entity_poly.type   'polypeptide(L)'
_entity_poly.pdbx_seq_one_letter_code
;HMPKQAAADRRTVEKTWKLMDKVVRLCQNPKLQLKNSPPYILDILPDTYQHLRLILSKYDDNQKLAQLSENEYFKIYIDS
LMKKSKRAIRLFKEGKERMYEEQSQDRRNLTKLSLIFSHMLAEIKAIFPNGQFQGDNFRITKADAAEFWRKFFGDKTIVP
WKVFRQCLHEVHQISSGLEAMALKSTIDLTCNDYISVFEFDIFTRLFQPWGSILRNWNFLAVTHPGYMAFLTYDEVKARL
QKYSTKPGSYIFRLSCTRLGQWAIGYVTGDGNILQTIPHNKPLFQALIDGSREGFYLYPDGRSYNPDLTGLCEPTPHDHI
KVTQEQYELYCEMGSTFQLCKICAENDKDVKIEPCGHLMCTSCLTAWQESDGQGCPFCRCEIKGTEPIIVDPFD
;
_entity_poly.pdbx_strand_id   A
#
# COMPACT_ATOMS: atom_id res chain seq x y z
N LYS A 4 15.36 -12.58 -6.22
CA LYS A 4 16.82 -12.66 -6.24
C LYS A 4 17.43 -11.27 -6.03
N GLN A 5 17.99 -11.01 -4.83
CA GLN A 5 18.60 -9.72 -4.55
C GLN A 5 20.06 -9.84 -4.24
N ALA A 6 20.83 -8.84 -4.62
CA ALA A 6 22.24 -8.80 -4.32
C ALA A 6 22.44 -8.49 -2.82
N ALA A 7 23.63 -8.80 -2.29
CA ALA A 7 23.96 -8.51 -0.89
C ALA A 7 23.98 -6.99 -0.69
N ALA A 8 23.41 -6.52 0.41
CA ALA A 8 23.37 -5.09 0.73
C ALA A 8 24.67 -4.66 1.43
N ASP A 9 25.76 -4.61 0.66
CA ASP A 9 27.03 -4.19 1.19
C ASP A 9 27.08 -2.66 1.20
N ARG A 10 28.14 -2.09 1.77
CA ARG A 10 28.31 -0.65 1.85
C ARG A 10 28.22 0.05 0.49
N ARG A 11 28.89 -0.49 -0.54
CA ARG A 11 28.84 0.06 -1.89
C ARG A 11 27.40 0.12 -2.42
N THR A 12 26.60 -0.91 -2.13
CA THR A 12 25.22 -0.98 -2.58
C THR A 12 24.35 0.07 -1.91
N VAL A 13 24.39 0.14 -0.55
CA VAL A 13 23.63 1.14 0.24
C VAL A 13 23.95 2.55 -0.26
N GLU A 14 25.23 2.81 -0.55
CA GLU A 14 25.68 4.10 -1.05
C GLU A 14 25.11 4.51 -2.40
N LYS A 15 24.88 3.54 -3.31
CA LYS A 15 24.27 3.83 -4.62
C LYS A 15 22.88 4.42 -4.44
N THR A 16 22.11 3.86 -3.48
CA THR A 16 20.75 4.30 -3.15
C THR A 16 20.76 5.75 -2.71
N TRP A 17 21.78 6.18 -1.92
CA TRP A 17 21.90 7.57 -1.48
C TRP A 17 22.06 8.47 -2.67
N LYS A 18 22.96 8.13 -3.60
CA LYS A 18 23.26 8.93 -4.79
C LYS A 18 21.99 9.04 -5.64
N LEU A 19 21.24 7.92 -5.80
CA LEU A 19 19.97 7.92 -6.51
C LEU A 19 18.95 8.81 -5.78
N MET A 20 18.82 8.67 -4.45
CA MET A 20 17.92 9.50 -3.64
C MET A 20 18.28 10.98 -3.78
N ASP A 21 19.57 11.30 -3.96
CA ASP A 21 20.03 12.68 -4.15
C ASP A 21 19.46 13.27 -5.43
N LYS A 22 19.42 12.48 -6.51
CA LYS A 22 18.85 12.94 -7.77
C LYS A 22 17.37 13.23 -7.62
N VAL A 23 16.65 12.38 -6.87
CA VAL A 23 15.22 12.53 -6.63
C VAL A 23 14.93 13.81 -5.82
N VAL A 24 15.82 14.13 -4.87
CA VAL A 24 15.67 15.33 -4.07
C VAL A 24 15.92 16.54 -4.95
N ARG A 25 16.98 16.52 -5.79
CA ARG A 25 17.31 17.63 -6.70
C ARG A 25 16.16 17.89 -7.66
N LEU A 26 15.57 16.80 -8.20
CA LEU A 26 14.45 16.86 -9.12
C LEU A 26 13.23 17.46 -8.46
N CYS A 27 12.96 17.05 -7.21
CA CYS A 27 11.80 17.51 -6.45
C CYS A 27 11.97 18.91 -5.84
N GLN A 28 13.18 19.49 -5.90
CA GLN A 28 13.40 20.86 -5.43
C GLN A 28 13.04 21.91 -6.49
N ASN A 29 12.61 21.49 -7.70
CA ASN A 29 12.22 22.42 -8.77
C ASN A 29 10.98 23.20 -8.28
N PRO A 30 11.00 24.55 -8.36
CA PRO A 30 9.86 25.33 -7.86
C PRO A 30 8.62 25.27 -8.75
N LYS A 31 8.77 24.89 -10.03
CA LYS A 31 7.62 24.74 -10.93
C LYS A 31 6.69 23.58 -10.51
N LEU A 32 7.11 22.73 -9.56
CA LEU A 32 6.31 21.64 -9.04
C LEU A 32 5.33 22.16 -7.99
N GLN A 33 5.77 23.10 -7.13
CA GLN A 33 4.96 23.66 -6.05
C GLN A 33 4.41 22.54 -5.15
N LEU A 34 5.30 21.68 -4.65
CA LEU A 34 4.87 20.57 -3.81
C LEU A 34 4.41 21.12 -2.47
N LYS A 35 3.23 20.68 -2.01
CA LYS A 35 2.69 21.12 -0.73
C LYS A 35 3.56 20.50 0.37
N ASN A 36 3.91 21.27 1.42
CA ASN A 36 4.73 20.74 2.51
C ASN A 36 4.06 19.60 3.32
N SER A 37 2.78 19.31 3.05
CA SER A 37 1.99 18.28 3.71
C SER A 37 2.53 16.87 3.44
N PRO A 38 2.65 16.05 4.50
CA PRO A 38 3.16 14.69 4.32
C PRO A 38 2.24 13.80 3.46
N PRO A 39 2.83 12.88 2.68
CA PRO A 39 4.26 12.62 2.53
C PRO A 39 5.00 13.71 1.75
N TYR A 40 5.98 14.37 2.40
CA TYR A 40 6.82 15.41 1.79
C TYR A 40 8.19 14.79 1.45
N ILE A 41 8.37 14.39 0.18
CA ILE A 41 9.56 13.70 -0.31
C ILE A 41 10.86 14.40 0.07
N LEU A 42 10.89 15.75 0.06
CA LEU A 42 12.07 16.52 0.41
C LEU A 42 12.52 16.35 1.88
N ASP A 43 11.64 15.85 2.75
CA ASP A 43 12.03 15.54 4.14
C ASP A 43 12.27 14.02 4.21
N ILE A 44 11.37 13.22 3.62
CA ILE A 44 11.45 11.75 3.70
C ILE A 44 12.75 11.21 3.16
N LEU A 45 13.19 11.65 1.97
CA LEU A 45 14.46 11.11 1.45
C LEU A 45 15.65 11.46 2.36
N PRO A 46 15.94 12.73 2.79
CA PRO A 46 17.02 12.94 3.77
C PRO A 46 16.86 12.16 5.09
N ASP A 47 15.62 11.98 5.60
CA ASP A 47 15.38 11.18 6.81
C ASP A 47 15.69 9.69 6.57
N THR A 48 15.55 9.21 5.33
CA THR A 48 15.88 7.85 4.95
C THR A 48 17.40 7.71 4.91
N TYR A 49 18.12 8.73 4.36
CA TYR A 49 19.58 8.71 4.35
C TYR A 49 20.10 8.64 5.79
N GLN A 50 19.49 9.46 6.68
CA GLN A 50 19.92 9.54 8.06
C GLN A 50 19.75 8.23 8.77
N HIS A 51 18.63 7.50 8.53
CA HIS A 51 18.43 6.20 9.18
C HIS A 51 19.38 5.17 8.64
N LEU A 52 19.60 5.13 7.31
CA LEU A 52 20.61 4.24 6.73
C LEU A 52 21.99 4.50 7.33
N ARG A 53 22.29 5.78 7.64
CA ARG A 53 23.52 6.19 8.29
C ARG A 53 23.56 5.66 9.73
N LEU A 54 22.50 5.85 10.49
CA LEU A 54 22.35 5.36 11.86
C LEU A 54 22.51 3.81 11.92
N ILE A 55 22.02 3.09 10.86
CA ILE A 55 22.20 1.64 10.80
C ILE A 55 23.68 1.34 10.58
N LEU A 56 24.33 1.97 9.57
CA LEU A 56 25.76 1.72 9.33
C LEU A 56 26.64 2.02 10.54
N SER A 57 26.21 2.95 11.42
CA SER A 57 26.95 3.30 12.64
C SER A 57 26.89 2.20 13.69
N LYS A 58 25.89 1.31 13.63
CA LYS A 58 25.78 0.19 14.56
C LYS A 58 26.54 -1.02 14.03
N TYR A 59 26.56 -1.21 12.71
CA TYR A 59 27.29 -2.33 12.08
C TYR A 59 28.62 -1.77 11.59
N ASP A 60 29.39 -1.21 12.53
CA ASP A 60 30.63 -0.47 12.36
C ASP A 60 31.90 -1.26 11.99
N ASP A 61 31.89 -2.61 12.05
CA ASP A 61 33.09 -3.36 11.64
C ASP A 61 32.76 -4.38 10.55
N ASN A 62 33.79 -4.98 9.93
CA ASN A 62 33.56 -5.93 8.85
C ASN A 62 32.71 -7.13 9.28
N GLN A 63 32.87 -7.62 10.54
CA GLN A 63 32.07 -8.75 11.07
C GLN A 63 30.59 -8.35 11.06
N LYS A 64 30.26 -7.14 11.55
CA LYS A 64 28.88 -6.68 11.59
C LYS A 64 28.31 -6.34 10.20
N LEU A 65 29.13 -5.76 9.32
CA LEU A 65 28.70 -5.43 7.97
C LEU A 65 28.34 -6.67 7.17
N ALA A 66 29.02 -7.79 7.41
CA ALA A 66 28.75 -9.04 6.71
C ALA A 66 27.38 -9.56 7.15
N GLN A 67 27.10 -9.51 8.47
CA GLN A 67 25.81 -9.92 9.06
C GLN A 67 24.71 -9.04 8.46
N LEU A 68 24.89 -7.72 8.45
CA LEU A 68 23.92 -6.78 7.86
C LEU A 68 23.68 -7.01 6.37
N SER A 69 24.74 -7.27 5.59
CA SER A 69 24.62 -7.50 4.13
C SER A 69 23.71 -8.67 3.74
N GLU A 70 23.77 -9.75 4.52
CA GLU A 70 22.98 -10.92 4.21
C GLU A 70 21.63 -10.98 4.93
N ASN A 71 21.25 -9.91 5.65
CA ASN A 71 19.93 -9.85 6.31
C ASN A 71 18.88 -9.83 5.22
N GLU A 72 17.96 -10.81 5.24
CA GLU A 72 16.94 -10.92 4.20
C GLU A 72 16.12 -9.63 4.01
N TYR A 73 15.51 -9.12 5.09
CA TYR A 73 14.74 -7.89 5.01
C TYR A 73 15.59 -6.70 4.52
N PHE A 74 16.82 -6.58 5.02
CA PHE A 74 17.67 -5.45 4.63
C PHE A 74 18.04 -5.52 3.15
N LYS A 75 18.29 -6.73 2.62
CA LYS A 75 18.59 -6.90 1.20
C LYS A 75 17.39 -6.47 0.36
N ILE A 76 16.18 -6.82 0.79
CA ILE A 76 14.97 -6.47 0.07
C ILE A 76 14.77 -4.97 0.15
N TYR A 77 14.95 -4.39 1.35
CA TYR A 77 14.83 -2.93 1.59
C TYR A 77 15.73 -2.15 0.64
N ILE A 78 17.04 -2.44 0.63
CA ILE A 78 17.97 -1.70 -0.22
C ILE A 78 17.61 -1.80 -1.70
N ASP A 79 17.28 -3.02 -2.19
CA ASP A 79 16.91 -3.21 -3.59
C ASP A 79 15.61 -2.44 -3.89
N SER A 80 14.64 -2.49 -2.97
CA SER A 80 13.37 -1.79 -3.14
C SER A 80 13.60 -0.28 -3.18
N LEU A 81 14.44 0.24 -2.28
CA LEU A 81 14.75 1.66 -2.22
C LEU A 81 15.41 2.11 -3.48
N MET A 82 16.37 1.33 -3.97
CA MET A 82 17.10 1.58 -5.21
C MET A 82 16.16 1.60 -6.44
N LYS A 83 15.26 0.60 -6.56
CA LYS A 83 14.35 0.49 -7.69
C LYS A 83 13.36 1.64 -7.73
N LYS A 84 12.82 1.99 -6.55
CA LYS A 84 11.87 3.08 -6.42
C LYS A 84 12.53 4.43 -6.70
N SER A 85 13.80 4.57 -6.33
CA SER A 85 14.55 5.79 -6.57
C SER A 85 14.75 5.98 -8.06
N LYS A 86 15.11 4.88 -8.77
CA LYS A 86 15.33 4.88 -10.23
C LYS A 86 14.03 5.19 -10.97
N ARG A 87 12.91 4.70 -10.44
CA ARG A 87 11.61 4.94 -11.01
C ARG A 87 11.25 6.40 -10.95
N ALA A 88 11.58 7.08 -9.84
CA ALA A 88 11.30 8.51 -9.68
C ALA A 88 12.10 9.35 -10.67
N ILE A 89 13.40 9.04 -10.83
CA ILE A 89 14.26 9.73 -11.80
C ILE A 89 13.67 9.59 -13.23
N ARG A 90 13.27 8.37 -13.58
CA ARG A 90 12.67 7.99 -14.86
C ARG A 90 11.32 8.68 -15.08
N LEU A 91 10.54 8.83 -14.03
CA LEU A 91 9.24 9.48 -14.06
C LEU A 91 9.38 10.93 -14.49
N PHE A 92 10.41 11.64 -13.98
CA PHE A 92 10.66 13.03 -14.33
C PHE A 92 11.13 13.16 -15.77
N LYS A 93 11.97 12.21 -16.22
CA LYS A 93 12.52 12.19 -17.58
C LYS A 93 11.43 11.98 -18.63
N GLU A 94 10.60 10.96 -18.43
CA GLU A 94 9.54 10.67 -19.39
C GLU A 94 8.39 11.67 -19.29
N GLY A 95 8.08 12.07 -18.05
CA GLY A 95 7.02 13.03 -17.78
C GLY A 95 7.27 14.37 -18.41
N LYS A 96 8.53 14.84 -18.40
CA LYS A 96 8.89 16.15 -18.96
C LYS A 96 8.06 17.31 -18.30
N GLU A 97 7.32 18.12 -19.08
CA GLU A 97 6.52 19.22 -18.56
C GLU A 97 5.25 18.77 -17.83
N ARG A 98 4.83 17.51 -18.02
CA ARG A 98 3.66 16.98 -17.32
C ARG A 98 3.90 16.85 -15.79
N MET A 99 5.17 16.92 -15.34
CA MET A 99 5.50 16.92 -13.92
C MET A 99 5.11 18.25 -13.26
N TYR A 100 4.93 19.34 -14.04
CA TYR A 100 4.52 20.65 -13.50
C TYR A 100 3.00 20.91 -13.65
N GLU A 101 2.26 19.94 -14.21
CA GLU A 101 0.81 19.98 -14.34
C GLU A 101 0.37 19.14 -13.16
N GLU A 102 -0.23 19.78 -12.14
CA GLU A 102 -0.64 19.13 -10.89
C GLU A 102 -1.62 17.96 -11.05
N GLN A 103 -2.53 18.05 -12.00
CA GLN A 103 -3.56 17.03 -12.25
C GLN A 103 -3.11 15.88 -13.17
N SER A 104 -1.84 15.89 -13.63
CA SER A 104 -1.38 14.88 -14.57
C SER A 104 -1.08 13.52 -13.92
N GLN A 105 -1.18 12.44 -14.71
CA GLN A 105 -0.91 11.07 -14.25
C GLN A 105 0.55 10.92 -13.82
N ASP A 106 1.49 11.67 -14.44
CA ASP A 106 2.89 11.59 -14.03
C ASP A 106 3.04 12.14 -12.59
N ARG A 107 2.34 13.24 -12.27
CA ARG A 107 2.34 13.82 -10.94
C ARG A 107 1.69 12.87 -9.93
N ARG A 108 0.58 12.23 -10.35
CA ARG A 108 -0.12 11.23 -9.52
C ARG A 108 0.81 10.09 -9.16
N ASN A 109 1.65 9.66 -10.11
CA ASN A 109 2.63 8.60 -9.95
C ASN A 109 3.73 8.98 -8.97
N LEU A 110 4.11 10.27 -8.93
CA LEU A 110 5.07 10.84 -8.00
C LEU A 110 4.44 10.84 -6.58
N THR A 111 3.14 11.15 -6.48
CA THR A 111 2.43 11.09 -5.20
C THR A 111 2.41 9.67 -4.67
N LYS A 112 2.17 8.68 -5.56
CA LYS A 112 2.22 7.27 -5.21
C LYS A 112 3.59 6.89 -4.66
N LEU A 113 4.68 7.30 -5.33
CA LEU A 113 6.04 7.04 -4.83
C LEU A 113 6.32 7.72 -3.50
N SER A 114 5.85 8.96 -3.31
CA SER A 114 6.06 9.69 -2.05
C SER A 114 5.46 8.89 -0.87
N LEU A 115 4.26 8.28 -1.10
CA LEU A 115 3.57 7.44 -0.10
C LEU A 115 4.41 6.21 0.14
N ILE A 116 4.89 5.55 -0.94
CA ILE A 116 5.80 4.39 -0.84
C ILE A 116 7.06 4.74 0.00
N PHE A 117 7.80 5.79 -0.36
CA PHE A 117 9.00 6.19 0.39
C PHE A 117 8.67 6.49 1.87
N SER A 118 7.50 7.09 2.10
CA SER A 118 7.06 7.38 3.46
C SER A 118 6.84 6.09 4.22
N HIS A 119 6.09 5.11 3.62
CA HIS A 119 5.86 3.84 4.33
C HIS A 119 7.16 3.09 4.57
N MET A 120 8.11 3.17 3.61
CA MET A 120 9.41 2.52 3.72
C MET A 120 10.23 3.09 4.87
N LEU A 121 10.06 4.36 5.19
CA LEU A 121 10.79 5.00 6.28
C LEU A 121 10.22 4.51 7.60
N ALA A 122 8.90 4.56 7.77
CA ALA A 122 8.27 4.05 8.98
C ALA A 122 8.61 2.55 9.18
N GLU A 123 8.75 1.79 8.07
CA GLU A 123 9.11 0.39 8.15
C GLU A 123 10.54 0.18 8.63
N ILE A 124 11.55 0.84 8.00
CA ILE A 124 12.95 0.71 8.42
C ILE A 124 13.16 1.16 9.87
N LYS A 125 12.37 2.14 10.33
CA LYS A 125 12.45 2.67 11.68
C LYS A 125 11.86 1.72 12.70
N ALA A 126 10.88 0.88 12.29
CA ALA A 126 10.28 -0.12 13.15
C ALA A 126 11.07 -1.40 13.12
N ILE A 127 11.68 -1.75 11.98
CA ILE A 127 12.47 -2.98 11.87
C ILE A 127 13.89 -2.78 12.39
N PHE A 128 14.46 -1.58 12.21
CA PHE A 128 15.77 -1.26 12.71
C PHE A 128 15.67 -0.05 13.66
N PRO A 129 14.94 -0.12 14.80
CA PRO A 129 14.85 1.05 15.68
C PRO A 129 16.23 1.33 16.26
N ASN A 130 16.65 2.59 16.20
CA ASN A 130 17.98 3.05 16.62
C ASN A 130 19.09 2.33 15.85
N GLY A 131 18.84 2.10 14.56
CA GLY A 131 19.77 1.46 13.63
C GLY A 131 20.12 0.01 13.89
N GLN A 132 19.38 -0.68 14.78
CA GLN A 132 19.69 -2.09 15.09
C GLN A 132 18.54 -3.03 14.72
N PHE A 133 18.85 -4.18 14.08
CA PHE A 133 17.83 -5.14 13.65
C PHE A 133 17.03 -5.69 14.81
N GLN A 134 15.71 -5.58 14.72
CA GLN A 134 14.78 -6.13 15.70
C GLN A 134 13.58 -6.82 15.01
N GLY A 135 13.72 -7.20 13.74
CA GLY A 135 12.65 -7.82 12.97
C GLY A 135 12.25 -9.16 13.55
N ASP A 136 13.23 -9.92 14.06
CA ASP A 136 13.01 -11.20 14.71
C ASP A 136 12.50 -11.07 16.18
N ASN A 137 12.25 -9.84 16.62
CA ASN A 137 11.73 -9.47 17.94
C ASN A 137 10.53 -8.51 17.78
N PHE A 138 9.91 -8.41 16.57
CA PHE A 138 8.82 -7.46 16.33
C PHE A 138 7.55 -8.00 16.93
N ARG A 139 6.82 -7.17 17.65
CA ARG A 139 5.59 -7.59 18.28
C ARG A 139 4.43 -7.19 17.42
N ILE A 140 3.71 -8.15 16.85
CA ILE A 140 2.49 -7.86 16.10
C ILE A 140 1.44 -7.53 17.14
N THR A 141 0.76 -6.39 17.00
CA THR A 141 -0.16 -5.91 18.03
C THR A 141 -1.30 -6.87 18.38
N LYS A 142 -2.06 -7.42 17.42
CA LYS A 142 -3.17 -8.32 17.77
C LYS A 142 -2.67 -9.73 17.94
N ALA A 143 -2.87 -10.36 19.11
CA ALA A 143 -2.41 -11.72 19.38
C ALA A 143 -2.87 -12.77 18.36
N ASP A 144 -4.15 -12.72 17.95
CA ASP A 144 -4.67 -13.69 17.00
C ASP A 144 -4.02 -13.56 15.63
N ALA A 145 -3.75 -12.33 15.23
CA ALA A 145 -3.05 -12.04 13.99
C ALA A 145 -1.60 -12.53 14.13
N ALA A 146 -0.98 -12.27 15.29
CA ALA A 146 0.38 -12.72 15.54
C ALA A 146 0.50 -14.23 15.45
N GLU A 147 -0.50 -14.97 15.99
CA GLU A 147 -0.53 -16.43 15.98
C GLU A 147 -0.62 -16.96 14.56
N PHE A 148 -1.33 -16.24 13.62
CA PHE A 148 -1.38 -16.65 12.22
C PHE A 148 0.00 -16.54 11.58
N TRP A 149 0.70 -15.41 11.79
CA TRP A 149 2.01 -15.14 11.23
C TRP A 149 3.00 -16.15 11.76
N ARG A 150 2.97 -16.43 13.05
CA ARG A 150 3.88 -17.39 13.65
C ARG A 150 3.70 -18.80 13.08
N LYS A 151 2.45 -19.22 12.89
CA LYS A 151 2.13 -20.54 12.35
C LYS A 151 2.62 -20.71 10.90
N PHE A 152 2.22 -19.79 9.99
CA PHE A 152 2.62 -19.92 8.59
C PHE A 152 4.03 -19.47 8.27
N PHE A 153 4.54 -18.46 8.99
CA PHE A 153 5.85 -17.90 8.66
C PHE A 153 6.92 -17.91 9.76
N GLY A 154 6.67 -18.59 10.87
CA GLY A 154 7.65 -18.66 11.96
C GLY A 154 8.17 -17.31 12.43
N ASP A 155 9.51 -17.15 12.51
CA ASP A 155 10.12 -15.87 12.92
C ASP A 155 10.42 -14.94 11.76
N LYS A 156 9.98 -15.28 10.52
CA LYS A 156 10.21 -14.40 9.35
C LYS A 156 9.82 -12.94 9.59
N THR A 157 10.67 -12.01 9.16
CA THR A 157 10.34 -10.59 9.22
C THR A 157 9.57 -10.21 7.94
N ILE A 158 9.76 -10.94 6.84
CA ILE A 158 9.15 -10.60 5.56
C ILE A 158 8.96 -11.88 4.75
N VAL A 159 7.88 -11.95 3.96
CA VAL A 159 7.60 -13.14 3.14
C VAL A 159 7.06 -12.64 1.79
N PRO A 160 7.30 -13.36 0.68
CA PRO A 160 6.75 -12.88 -0.61
C PRO A 160 5.23 -12.76 -0.55
N TRP A 161 4.63 -11.82 -1.29
CA TRP A 161 3.17 -11.70 -1.40
C TRP A 161 2.55 -13.03 -1.87
N LYS A 162 3.19 -13.68 -2.88
CA LYS A 162 2.74 -14.98 -3.45
C LYS A 162 2.49 -15.99 -2.32
N VAL A 163 3.46 -16.14 -1.42
CA VAL A 163 3.37 -17.02 -0.27
C VAL A 163 2.34 -16.56 0.75
N PHE A 164 2.38 -15.28 1.13
CA PHE A 164 1.46 -14.70 2.11
C PHE A 164 -0.01 -14.91 1.72
N ARG A 165 -0.37 -14.60 0.47
CA ARG A 165 -1.72 -14.71 -0.06
C ARG A 165 -2.27 -16.12 0.04
N GLN A 166 -1.49 -17.16 -0.38
CA GLN A 166 -2.00 -18.52 -0.32
C GLN A 166 -2.24 -18.95 1.13
N CYS A 167 -1.39 -18.51 2.06
CA CYS A 167 -1.55 -18.85 3.47
C CYS A 167 -2.72 -18.13 4.11
N LEU A 168 -2.95 -16.88 3.71
CA LEU A 168 -4.11 -16.14 4.16
C LEU A 168 -5.41 -16.81 3.69
N HIS A 169 -5.45 -17.23 2.39
CA HIS A 169 -6.64 -17.87 1.81
C HIS A 169 -7.07 -19.12 2.60
N GLU A 170 -6.10 -19.83 3.18
CA GLU A 170 -6.28 -21.01 4.01
C GLU A 170 -7.15 -20.75 5.26
N VAL A 171 -7.07 -19.55 5.79
CA VAL A 171 -7.78 -19.12 7.00
C VAL A 171 -9.00 -18.26 6.61
N HIS A 172 -8.78 -17.32 5.68
CA HIS A 172 -9.81 -16.40 5.20
C HIS A 172 -9.82 -16.45 3.70
N GLN A 173 -10.82 -17.12 3.12
CA GLN A 173 -10.96 -17.29 1.70
C GLN A 173 -11.04 -16.01 0.88
N ILE A 174 -10.22 -15.94 -0.16
CA ILE A 174 -10.20 -14.85 -1.12
C ILE A 174 -10.98 -15.43 -2.31
N SER A 175 -12.05 -14.74 -2.71
CA SER A 175 -12.96 -15.28 -3.69
C SER A 175 -12.61 -15.04 -5.16
N SER A 176 -11.70 -14.08 -5.48
CA SER A 176 -11.37 -13.84 -6.90
C SER A 176 -9.99 -13.19 -7.05
N GLY A 177 -9.48 -13.17 -8.28
CA GLY A 177 -8.18 -12.58 -8.61
C GLY A 177 -8.20 -11.09 -8.37
N LEU A 178 -9.29 -10.40 -8.73
CA LEU A 178 -9.39 -8.96 -8.47
C LEU A 178 -9.43 -8.62 -6.98
N GLU A 179 -10.10 -9.46 -6.17
CA GLU A 179 -10.13 -9.25 -4.72
C GLU A 179 -8.71 -9.43 -4.16
N ALA A 180 -7.95 -10.40 -4.68
CA ALA A 180 -6.57 -10.63 -4.24
C ALA A 180 -5.67 -9.45 -4.68
N MET A 181 -5.97 -8.81 -5.82
CA MET A 181 -5.19 -7.65 -6.28
C MET A 181 -5.45 -6.46 -5.36
N ALA A 182 -6.71 -6.26 -4.97
CA ALA A 182 -7.05 -5.17 -4.04
C ALA A 182 -6.36 -5.42 -2.69
N LEU A 183 -6.29 -6.69 -2.28
CA LEU A 183 -5.68 -7.07 -1.04
C LEU A 183 -4.20 -6.78 -1.09
N LYS A 184 -3.52 -7.13 -2.19
CA LYS A 184 -2.09 -6.85 -2.32
C LYS A 184 -1.79 -5.34 -2.20
N SER A 185 -2.55 -4.47 -2.89
CA SER A 185 -2.29 -3.02 -2.77
C SER A 185 -2.57 -2.49 -1.37
N THR A 186 -3.49 -3.11 -0.62
CA THR A 186 -3.81 -2.67 0.72
C THR A 186 -2.69 -3.04 1.69
N ILE A 187 -2.18 -4.28 1.60
CA ILE A 187 -1.19 -4.78 2.55
C ILE A 187 0.23 -4.47 2.14
N ASP A 188 0.56 -4.68 0.87
CA ASP A 188 1.88 -4.35 0.37
C ASP A 188 1.97 -2.84 0.17
N LEU A 189 2.17 -2.10 1.28
CA LEU A 189 2.24 -0.64 1.24
C LEU A 189 3.53 -0.12 0.57
N THR A 190 4.65 -0.82 0.78
CA THR A 190 5.94 -0.42 0.21
C THR A 190 6.09 -0.78 -1.30
N CYS A 191 5.07 -1.46 -1.88
CA CYS A 191 5.00 -1.93 -3.27
C CYS A 191 6.26 -2.62 -3.73
N ASN A 192 6.69 -3.62 -2.95
CA ASN A 192 7.89 -4.40 -3.22
C ASN A 192 7.62 -5.92 -3.46
N ASP A 193 6.34 -6.33 -3.52
CA ASP A 193 5.85 -7.73 -3.71
C ASP A 193 6.19 -8.67 -2.53
N TYR A 194 6.38 -8.07 -1.37
CA TYR A 194 6.64 -8.79 -0.14
C TYR A 194 5.74 -8.20 0.92
N ILE A 195 5.46 -9.00 1.96
CA ILE A 195 4.70 -8.52 3.09
C ILE A 195 5.63 -8.60 4.26
N SER A 196 5.95 -7.44 4.89
CA SER A 196 6.75 -7.48 6.11
C SER A 196 5.82 -7.66 7.29
N VAL A 197 6.39 -8.04 8.42
CA VAL A 197 5.68 -8.15 9.67
C VAL A 197 5.10 -6.77 10.13
N PHE A 198 5.70 -5.67 9.67
CA PHE A 198 5.26 -4.31 9.97
C PHE A 198 4.02 -4.00 9.11
N GLU A 199 4.06 -4.34 7.81
CA GLU A 199 2.91 -4.16 6.93
C GLU A 199 1.75 -5.03 7.40
N PHE A 200 2.04 -6.27 7.84
CA PHE A 200 1.04 -7.18 8.37
C PHE A 200 0.39 -6.56 9.62
N ASP A 201 1.20 -6.07 10.55
CA ASP A 201 0.71 -5.42 11.79
C ASP A 201 -0.16 -4.19 11.44
N ILE A 202 0.22 -3.41 10.43
CA ILE A 202 -0.60 -2.26 10.01
C ILE A 202 -1.97 -2.72 9.58
N PHE A 203 -2.01 -3.74 8.71
CA PHE A 203 -3.25 -4.19 8.11
C PHE A 203 -4.16 -4.79 9.16
N THR A 204 -3.57 -5.59 10.08
CA THR A 204 -4.37 -6.29 11.07
C THR A 204 -4.90 -5.37 12.21
N ARG A 205 -4.22 -4.27 12.46
CA ARG A 205 -4.67 -3.27 13.40
C ARG A 205 -5.85 -2.47 12.78
N LEU A 206 -5.73 -2.11 11.51
CA LEU A 206 -6.79 -1.34 10.85
C LEU A 206 -8.08 -2.12 10.67
N PHE A 207 -7.98 -3.41 10.29
CA PHE A 207 -9.18 -4.19 9.98
C PHE A 207 -9.49 -5.26 11.00
N GLN A 208 -9.14 -5.01 12.27
CA GLN A 208 -9.46 -5.90 13.38
C GLN A 208 -11.00 -5.96 13.59
N PRO A 209 -11.55 -7.07 14.15
CA PRO A 209 -10.85 -8.26 14.65
C PRO A 209 -10.45 -9.25 13.55
N TRP A 210 -9.38 -10.01 13.81
CA TRP A 210 -8.81 -11.00 12.90
C TRP A 210 -9.81 -11.98 12.38
N GLY A 211 -10.73 -12.40 13.26
CA GLY A 211 -11.75 -13.41 13.00
C GLY A 211 -12.56 -13.16 11.75
N SER A 212 -12.83 -11.90 11.48
CA SER A 212 -13.62 -11.50 10.31
C SER A 212 -12.86 -10.45 9.48
N ILE A 213 -11.52 -10.47 9.50
CA ILE A 213 -10.68 -9.42 8.91
C ILE A 213 -11.04 -9.05 7.45
N LEU A 214 -11.25 -10.04 6.54
CA LEU A 214 -11.56 -9.70 5.15
C LEU A 214 -12.98 -9.16 4.97
N ARG A 215 -13.92 -9.53 5.85
CA ARG A 215 -15.26 -8.95 5.80
C ARG A 215 -15.18 -7.47 6.22
N ASN A 216 -14.35 -7.17 7.23
CA ASN A 216 -14.18 -5.79 7.70
C ASN A 216 -13.50 -4.96 6.62
N TRP A 217 -12.49 -5.52 5.93
CA TRP A 217 -11.80 -4.81 4.85
C TRP A 217 -12.69 -4.62 3.63
N ASN A 218 -13.43 -5.67 3.23
CA ASN A 218 -14.29 -5.58 2.07
C ASN A 218 -15.38 -4.57 2.29
N PHE A 219 -15.94 -4.48 3.51
CA PHE A 219 -16.98 -3.51 3.81
C PHE A 219 -16.41 -2.10 4.08
N LEU A 220 -15.50 -1.92 5.03
CA LEU A 220 -15.04 -0.59 5.44
C LEU A 220 -14.13 0.14 4.45
N ALA A 221 -13.31 -0.55 3.67
CA ALA A 221 -12.39 0.10 2.73
C ALA A 221 -12.81 -0.01 1.24
N VAL A 222 -13.25 -1.20 0.80
CA VAL A 222 -13.63 -1.35 -0.61
C VAL A 222 -15.00 -0.73 -0.96
N THR A 223 -16.04 -0.91 -0.13
CA THR A 223 -17.38 -0.41 -0.49
C THR A 223 -17.95 0.74 0.38
N HIS A 224 -17.33 1.10 1.51
CA HIS A 224 -17.90 2.11 2.39
C HIS A 224 -17.77 3.52 1.83
N PRO A 225 -18.89 4.26 1.77
CA PRO A 225 -18.81 5.61 1.20
C PRO A 225 -18.03 6.63 2.02
N GLY A 226 -17.83 6.35 3.31
CA GLY A 226 -17.08 7.26 4.18
C GLY A 226 -15.58 7.04 4.10
N TYR A 227 -15.14 5.93 3.49
CA TYR A 227 -13.75 5.59 3.35
C TYR A 227 -13.10 6.54 2.35
N MET A 228 -12.02 7.24 2.75
CA MET A 228 -11.34 8.20 1.88
C MET A 228 -9.88 7.88 1.59
N ALA A 229 -9.41 6.66 1.91
CA ALA A 229 -8.00 6.26 1.71
C ALA A 229 -7.05 7.24 2.48
N PHE A 230 -5.74 7.38 2.15
CA PHE A 230 -4.88 8.32 2.84
C PHE A 230 -5.27 9.72 2.47
N LEU A 231 -5.32 10.61 3.45
CA LEU A 231 -5.63 12.01 3.22
C LEU A 231 -4.89 12.81 4.26
N THR A 232 -4.62 14.06 3.94
CA THR A 232 -4.09 15.03 4.93
C THR A 232 -5.34 15.61 5.64
N TYR A 233 -5.14 16.33 6.77
CA TYR A 233 -6.29 16.99 7.40
C TYR A 233 -6.83 18.09 6.46
N ASP A 234 -5.93 18.77 5.70
CA ASP A 234 -6.33 19.77 4.69
C ASP A 234 -7.32 19.18 3.69
N GLU A 235 -7.09 17.94 3.23
CA GLU A 235 -8.01 17.27 2.31
C GLU A 235 -9.30 16.84 3.02
N VAL A 236 -9.23 16.42 4.30
CA VAL A 236 -10.42 16.05 5.08
C VAL A 236 -11.36 17.23 5.25
N LYS A 237 -10.81 18.39 5.64
CA LYS A 237 -11.60 19.59 5.82
C LYS A 237 -12.17 20.04 4.49
N ALA A 238 -11.38 19.94 3.39
CA ALA A 238 -11.90 20.36 2.07
C ALA A 238 -13.01 19.46 1.55
N ARG A 239 -13.01 18.19 1.94
CA ARG A 239 -14.05 17.27 1.54
C ARG A 239 -15.33 17.60 2.32
N LEU A 240 -15.25 17.64 3.65
CA LEU A 240 -16.39 17.93 4.49
C LEU A 240 -16.92 19.36 4.45
N GLN A 241 -16.10 20.33 3.97
CA GLN A 241 -16.46 21.75 3.89
C GLN A 241 -17.79 21.98 3.22
N LYS A 242 -18.09 21.19 2.18
CA LYS A 242 -19.38 21.36 1.48
C LYS A 242 -20.58 20.85 2.31
N TYR A 243 -20.34 20.08 3.37
CA TYR A 243 -21.39 19.58 4.24
C TYR A 243 -21.38 20.24 5.61
N SER A 244 -20.67 21.38 5.79
CA SER A 244 -20.60 22.07 7.08
C SER A 244 -21.97 22.37 7.69
N THR A 245 -23.00 22.49 6.85
CA THR A 245 -24.36 22.74 7.28
C THR A 245 -25.16 21.45 7.54
N LYS A 246 -24.48 20.32 7.72
CA LYS A 246 -25.12 19.04 7.96
C LYS A 246 -24.38 18.35 9.10
N PRO A 247 -24.77 18.64 10.36
CA PRO A 247 -24.08 18.04 11.51
C PRO A 247 -24.22 16.54 11.50
N GLY A 248 -23.12 15.85 11.81
CA GLY A 248 -23.10 14.40 11.73
C GLY A 248 -22.47 13.87 10.46
N SER A 249 -22.15 14.73 9.48
CA SER A 249 -21.49 14.27 8.26
C SER A 249 -20.07 13.86 8.62
N TYR A 250 -19.59 12.72 8.11
CA TYR A 250 -18.27 12.23 8.48
C TYR A 250 -17.53 11.48 7.35
N ILE A 251 -16.21 11.32 7.49
CA ILE A 251 -15.39 10.51 6.59
C ILE A 251 -14.27 9.95 7.44
N PHE A 252 -13.74 8.82 7.06
CA PHE A 252 -12.58 8.25 7.77
C PHE A 252 -11.48 8.04 6.78
N ARG A 253 -10.26 8.35 7.20
CA ARG A 253 -9.10 8.30 6.34
C ARG A 253 -7.91 7.63 7.04
N LEU A 254 -6.95 7.22 6.26
CA LEU A 254 -5.70 6.71 6.73
C LEU A 254 -4.75 7.90 6.74
N SER A 255 -3.76 7.82 7.59
CA SER A 255 -2.81 8.90 7.76
C SER A 255 -1.40 8.34 7.64
N CYS A 256 -0.59 8.98 6.79
CA CYS A 256 0.77 8.49 6.58
C CYS A 256 1.69 8.72 7.80
N THR A 257 1.29 9.59 8.75
CA THR A 257 2.06 9.80 9.96
C THR A 257 1.51 9.01 11.17
N ARG A 258 0.44 8.24 10.98
CA ARG A 258 -0.18 7.44 12.02
C ARG A 258 -0.56 6.09 11.38
N LEU A 259 0.43 5.33 10.88
CA LEU A 259 0.14 4.05 10.21
C LEU A 259 -0.49 3.04 11.13
N GLY A 260 -1.54 2.39 10.66
CA GLY A 260 -2.27 1.40 11.44
C GLY A 260 -3.43 1.98 12.25
N GLN A 261 -3.66 3.28 12.10
CA GLN A 261 -4.74 3.97 12.77
C GLN A 261 -5.58 4.74 11.78
N TRP A 262 -6.84 4.93 12.17
CA TRP A 262 -7.85 5.62 11.40
C TRP A 262 -8.04 6.99 12.01
N ALA A 263 -8.49 7.96 11.20
CA ALA A 263 -8.82 9.27 11.71
C ALA A 263 -10.23 9.58 11.17
N ILE A 264 -11.20 9.81 12.06
CA ILE A 264 -12.56 10.12 11.63
C ILE A 264 -12.77 11.63 11.69
N GLY A 265 -12.98 12.25 10.54
CA GLY A 265 -13.26 13.67 10.48
C GLY A 265 -14.75 13.85 10.38
N TYR A 266 -15.32 14.81 11.11
CA TYR A 266 -16.76 15.00 11.12
C TYR A 266 -17.20 16.43 11.40
N VAL A 267 -18.44 16.74 10.96
CA VAL A 267 -19.08 18.02 11.16
C VAL A 267 -19.79 18.03 12.52
N THR A 268 -19.48 19.01 13.37
CA THR A 268 -20.09 19.17 14.70
C THR A 268 -21.45 19.90 14.57
N GLY A 269 -22.18 20.06 15.67
CA GLY A 269 -23.46 20.78 15.66
C GLY A 269 -23.30 22.26 15.34
N ASP A 270 -22.12 22.82 15.59
CA ASP A 270 -21.86 24.24 15.31
C ASP A 270 -21.14 24.51 13.98
N GLY A 271 -21.14 23.55 13.08
CA GLY A 271 -20.55 23.70 11.75
C GLY A 271 -19.05 23.49 11.60
N ASN A 272 -18.34 23.19 12.68
CA ASN A 272 -16.89 22.98 12.61
C ASN A 272 -16.50 21.58 12.19
N ILE A 273 -15.35 21.44 11.53
CA ILE A 273 -14.86 20.14 11.11
C ILE A 273 -13.78 19.76 12.09
N LEU A 274 -14.05 18.71 12.86
CA LEU A 274 -13.15 18.20 13.88
C LEU A 274 -12.77 16.75 13.56
N GLN A 275 -11.83 16.18 14.31
CA GLN A 275 -11.47 14.78 14.10
C GLN A 275 -11.22 14.04 15.40
N THR A 276 -11.43 12.72 15.35
CA THR A 276 -11.24 11.76 16.44
C THR A 276 -10.38 10.61 15.91
N ILE A 277 -9.45 10.12 16.71
CA ILE A 277 -8.60 8.99 16.34
C ILE A 277 -9.11 7.90 17.27
N PRO A 278 -9.76 6.85 16.73
CA PRO A 278 -10.28 5.78 17.61
C PRO A 278 -9.15 5.02 18.30
N HIS A 279 -9.44 4.44 19.48
CA HIS A 279 -8.48 3.62 20.23
C HIS A 279 -8.14 2.30 19.48
N ASN A 280 -7.49 1.31 20.13
CA ASN A 280 -7.17 0.04 19.47
C ASN A 280 -8.40 -0.88 19.44
N LYS A 281 -9.47 -0.40 18.79
CA LYS A 281 -10.76 -1.07 18.71
C LYS A 281 -11.26 -1.11 17.25
N PRO A 282 -12.17 -2.04 16.91
CA PRO A 282 -12.70 -2.06 15.54
C PRO A 282 -13.33 -0.73 15.10
N LEU A 283 -12.88 -0.23 13.93
CA LEU A 283 -13.37 1.00 13.32
C LEU A 283 -14.89 0.94 13.14
N PHE A 284 -15.45 -0.27 12.82
CA PHE A 284 -16.91 -0.40 12.69
C PHE A 284 -17.64 -0.19 14.03
N GLN A 285 -17.01 -0.50 15.17
CA GLN A 285 -17.66 -0.27 16.47
C GLN A 285 -17.70 1.21 16.81
N ALA A 286 -16.64 1.95 16.48
CA ALA A 286 -16.61 3.38 16.71
C ALA A 286 -17.63 4.08 15.81
N LEU A 287 -17.87 3.55 14.60
CA LEU A 287 -18.86 4.14 13.70
C LEU A 287 -20.29 3.84 14.18
N ILE A 288 -20.52 2.62 14.74
CA ILE A 288 -21.80 2.22 15.32
C ILE A 288 -22.11 3.09 16.53
N ASP A 289 -21.19 3.15 17.52
CA ASP A 289 -21.37 3.99 18.72
C ASP A 289 -21.60 5.45 18.34
N GLY A 290 -20.83 5.93 17.36
CA GLY A 290 -20.92 7.31 16.87
C GLY A 290 -22.26 7.61 16.25
N SER A 291 -22.82 6.66 15.49
CA SER A 291 -24.12 6.83 14.86
C SER A 291 -25.23 6.88 15.88
N ARG A 292 -25.17 6.01 16.91
CA ARG A 292 -26.21 6.01 17.94
C ARG A 292 -26.12 7.24 18.85
N GLU A 293 -24.91 7.83 18.98
CA GLU A 293 -24.72 9.04 19.77
C GLU A 293 -24.97 10.34 18.97
N GLY A 294 -25.12 10.22 17.65
CA GLY A 294 -25.43 11.34 16.79
C GLY A 294 -24.25 12.06 16.19
N PHE A 295 -23.03 11.54 16.36
CA PHE A 295 -21.84 12.18 15.80
C PHE A 295 -21.52 11.76 14.36
N TYR A 296 -21.64 10.47 14.01
CA TYR A 296 -21.32 9.99 12.65
C TYR A 296 -22.57 9.43 11.99
N LEU A 297 -23.30 10.26 11.24
CA LEU A 297 -24.54 9.87 10.59
C LEU A 297 -24.49 9.90 9.08
N TYR A 298 -23.72 10.81 8.48
CA TYR A 298 -23.74 10.97 7.01
C TYR A 298 -22.37 10.76 6.37
N PRO A 299 -22.09 9.54 5.85
CA PRO A 299 -20.78 9.26 5.25
C PRO A 299 -20.56 10.03 3.97
N ASP A 300 -19.53 10.89 3.93
CA ASP A 300 -19.22 11.77 2.82
C ASP A 300 -20.43 12.65 2.49
N GLY A 301 -21.17 13.09 3.52
CA GLY A 301 -22.38 13.90 3.32
C GLY A 301 -23.60 13.19 2.76
N ARG A 302 -23.52 11.88 2.56
CA ARG A 302 -24.63 11.11 1.99
C ARG A 302 -25.64 10.79 3.07
N SER A 303 -26.94 10.86 2.75
CA SER A 303 -27.99 10.57 3.71
C SER A 303 -28.07 9.10 4.21
N TYR A 304 -27.70 8.11 3.38
CA TYR A 304 -27.76 6.70 3.79
C TYR A 304 -26.48 6.27 4.51
N ASN A 305 -26.61 5.79 5.76
CA ASN A 305 -25.46 5.32 6.52
C ASN A 305 -25.53 3.80 6.60
N PRO A 306 -24.62 3.08 5.92
CA PRO A 306 -24.68 1.62 5.93
C PRO A 306 -24.73 0.96 7.31
N ASP A 307 -25.66 0.02 7.49
CA ASP A 307 -25.78 -0.73 8.75
C ASP A 307 -24.53 -1.63 8.91
N LEU A 308 -23.66 -1.28 9.85
CA LEU A 308 -22.42 -2.03 10.09
C LEU A 308 -22.53 -3.13 11.15
N THR A 309 -23.67 -3.23 11.86
CA THR A 309 -23.89 -4.24 12.90
C THR A 309 -23.75 -5.69 12.41
N GLY A 310 -23.86 -5.89 11.09
CA GLY A 310 -23.65 -7.19 10.47
C GLY A 310 -22.24 -7.71 10.68
N LEU A 311 -21.27 -6.82 10.96
CA LEU A 311 -19.88 -7.14 11.24
C LEU A 311 -19.64 -7.62 12.70
N CYS A 312 -20.64 -7.48 13.58
CA CYS A 312 -20.52 -7.91 14.98
C CYS A 312 -20.94 -9.39 15.12
N GLU A 313 -22.07 -9.77 14.50
CA GLU A 313 -22.63 -11.12 14.56
C GLU A 313 -22.05 -12.06 13.49
N LYS A 321 -22.28 -8.35 -1.71
CA LYS A 321 -21.05 -8.99 -2.20
C LYS A 321 -20.32 -8.01 -3.12
N VAL A 322 -18.99 -7.83 -2.92
CA VAL A 322 -18.20 -6.87 -3.69
C VAL A 322 -18.13 -7.20 -5.17
N THR A 323 -18.46 -6.23 -6.04
CA THR A 323 -18.39 -6.46 -7.48
C THR A 323 -16.95 -6.29 -7.96
N GLN A 324 -16.64 -6.87 -9.14
CA GLN A 324 -15.33 -6.73 -9.74
C GLN A 324 -14.99 -5.27 -10.04
N GLU A 325 -16.00 -4.49 -10.44
CA GLU A 325 -15.87 -3.09 -10.74
C GLU A 325 -15.45 -2.30 -9.49
N GLN A 326 -16.04 -2.60 -8.31
CA GLN A 326 -15.67 -1.96 -7.03
C GLN A 326 -14.21 -2.24 -6.72
N TYR A 327 -13.74 -3.48 -6.95
CA TYR A 327 -12.33 -3.81 -6.75
C TYR A 327 -11.42 -3.06 -7.70
N GLU A 328 -11.85 -2.89 -8.97
CA GLU A 328 -11.09 -2.19 -10.01
C GLU A 328 -10.88 -0.72 -9.61
N LEU A 329 -11.97 -0.06 -9.17
CA LEU A 329 -11.89 1.34 -8.76
C LEU A 329 -11.00 1.51 -7.51
N TYR A 330 -11.09 0.59 -6.55
CA TYR A 330 -10.29 0.62 -5.31
C TYR A 330 -8.77 0.48 -5.64
N CYS A 331 -8.47 -0.30 -6.67
CA CYS A 331 -7.12 -0.57 -7.16
C CYS A 331 -6.45 0.60 -7.87
N GLU A 332 -7.21 1.59 -8.37
CA GLU A 332 -6.64 2.72 -9.14
C GLU A 332 -5.43 3.40 -8.52
N MET A 333 -5.44 3.61 -7.18
CA MET A 333 -4.31 4.27 -6.52
C MET A 333 -3.09 3.37 -6.34
N GLY A 334 -3.28 2.05 -6.48
CA GLY A 334 -2.24 1.06 -6.28
C GLY A 334 -1.27 0.92 -7.43
N SER A 335 -0.22 0.15 -7.16
CA SER A 335 0.84 -0.13 -8.10
C SER A 335 0.75 -1.62 -8.35
N THR A 336 -0.32 -2.02 -9.04
CA THR A 336 -0.59 -3.42 -9.35
C THR A 336 -0.84 -3.67 -10.85
N PHE A 337 -0.65 -2.65 -11.72
CA PHE A 337 -0.84 -2.81 -13.18
C PHE A 337 0.09 -3.87 -13.76
N GLN A 338 1.27 -4.04 -13.15
CA GLN A 338 2.25 -5.04 -13.60
C GLN A 338 1.91 -6.47 -13.15
N LEU A 339 0.85 -6.67 -12.36
CA LEU A 339 0.47 -7.95 -11.81
C LEU A 339 -0.50 -8.62 -12.69
N CYS A 340 -0.34 -9.95 -12.91
CA CYS A 340 -1.31 -10.71 -13.68
C CYS A 340 -2.64 -10.73 -12.92
N LYS A 341 -3.70 -10.30 -13.57
CA LYS A 341 -5.05 -10.18 -12.98
C LYS A 341 -5.75 -11.51 -12.79
N ILE A 342 -5.28 -12.55 -13.48
CA ILE A 342 -5.88 -13.86 -13.38
C ILE A 342 -5.55 -14.49 -12.06
N CYS A 343 -4.24 -14.63 -11.75
CA CYS A 343 -3.78 -15.28 -10.54
C CYS A 343 -3.52 -14.31 -9.40
N ALA A 344 -3.22 -13.03 -9.72
CA ALA A 344 -2.80 -12.02 -8.74
C ALA A 344 -1.60 -12.50 -7.90
N GLU A 345 -0.72 -13.32 -8.49
CA GLU A 345 0.47 -13.76 -7.76
C GLU A 345 1.73 -13.74 -8.62
N ASN A 346 1.60 -13.76 -9.94
CA ASN A 346 2.74 -13.64 -10.85
C ASN A 346 2.61 -12.31 -11.61
N ASP A 347 3.73 -11.71 -12.02
CA ASP A 347 3.68 -10.48 -12.80
C ASP A 347 3.36 -10.81 -14.25
N LYS A 348 2.74 -9.86 -14.98
CA LYS A 348 2.45 -10.06 -16.40
C LYS A 348 3.78 -10.22 -17.15
N ASP A 349 3.93 -11.31 -17.94
CA ASP A 349 5.17 -11.51 -18.69
C ASP A 349 4.91 -11.89 -20.14
N VAL A 350 3.67 -11.79 -20.64
CA VAL A 350 3.36 -12.15 -22.01
C VAL A 350 2.23 -11.29 -22.56
N LYS A 351 2.35 -10.90 -23.83
CA LYS A 351 1.38 -10.08 -24.54
C LYS A 351 0.70 -10.88 -25.62
N ILE A 352 -0.64 -10.91 -25.65
CA ILE A 352 -1.35 -11.62 -26.73
C ILE A 352 -1.44 -10.69 -27.95
N GLU A 353 -1.39 -11.26 -29.14
CA GLU A 353 -1.56 -10.52 -30.37
C GLU A 353 -2.70 -11.13 -31.16
N PRO A 354 -3.53 -10.31 -31.80
CA PRO A 354 -3.42 -8.84 -31.90
C PRO A 354 -4.19 -8.06 -30.85
N CYS A 355 -4.90 -8.74 -29.91
CA CYS A 355 -5.72 -8.04 -28.93
C CYS A 355 -4.92 -7.18 -27.98
N GLY A 356 -3.73 -7.65 -27.62
CA GLY A 356 -2.84 -6.85 -26.79
C GLY A 356 -2.99 -7.03 -25.30
N HIS A 357 -3.88 -7.92 -24.85
CA HIS A 357 -4.05 -8.15 -23.41
C HIS A 357 -2.84 -8.88 -22.84
N LEU A 358 -2.46 -8.52 -21.61
CA LEU A 358 -1.28 -9.03 -20.91
C LEU A 358 -1.65 -9.87 -19.73
N MET A 359 -0.85 -10.92 -19.45
CA MET A 359 -1.02 -11.83 -18.33
C MET A 359 0.32 -12.55 -18.11
N CYS A 360 0.39 -13.48 -17.12
CA CYS A 360 1.60 -14.27 -16.98
C CYS A 360 1.46 -15.52 -17.87
N THR A 361 2.60 -16.04 -18.32
CA THR A 361 2.70 -17.24 -19.19
C THR A 361 2.10 -18.46 -18.51
N SER A 362 2.21 -18.57 -17.19
CA SER A 362 1.62 -19.70 -16.46
C SER A 362 0.10 -19.73 -16.61
N CYS A 363 -0.54 -18.56 -16.49
CA CYS A 363 -1.98 -18.45 -16.67
C CYS A 363 -2.42 -18.65 -18.14
N LEU A 364 -1.64 -18.15 -19.10
CA LEU A 364 -1.97 -18.35 -20.51
C LEU A 364 -1.90 -19.85 -20.85
N THR A 365 -0.89 -20.55 -20.29
CA THR A 365 -0.74 -21.98 -20.48
C THR A 365 -1.91 -22.71 -19.86
N ALA A 366 -2.31 -22.40 -18.62
CA ALA A 366 -3.46 -23.05 -17.99
C ALA A 366 -4.73 -22.85 -18.81
N TRP A 367 -4.89 -21.65 -19.37
CA TRP A 367 -5.99 -21.31 -20.26
C TRP A 367 -6.00 -22.14 -21.57
N GLN A 368 -4.87 -22.21 -22.28
CA GLN A 368 -4.79 -22.98 -23.53
C GLN A 368 -5.03 -24.46 -23.30
N GLU A 369 -4.51 -24.98 -22.18
CA GLU A 369 -4.68 -26.36 -21.77
C GLU A 369 -6.11 -26.72 -21.36
N SER A 370 -6.95 -25.73 -21.06
CA SER A 370 -8.34 -25.98 -20.72
C SER A 370 -9.30 -25.84 -21.91
N ASP A 371 -8.75 -25.79 -23.13
CA ASP A 371 -9.52 -25.55 -24.34
C ASP A 371 -10.27 -24.23 -24.29
N GLY A 372 -9.73 -23.23 -23.57
CA GLY A 372 -10.32 -21.91 -23.52
C GLY A 372 -10.19 -21.28 -24.88
N GLN A 373 -11.30 -20.71 -25.39
CA GLN A 373 -11.28 -20.16 -26.75
C GLN A 373 -10.74 -18.75 -26.77
N GLY A 374 -9.65 -18.59 -27.50
CA GLY A 374 -8.97 -17.32 -27.67
C GLY A 374 -8.37 -16.71 -26.43
N CYS A 375 -8.44 -15.38 -26.34
CA CYS A 375 -7.89 -14.63 -25.24
C CYS A 375 -8.71 -14.83 -23.99
N PRO A 376 -8.08 -15.04 -22.83
CA PRO A 376 -8.88 -15.19 -21.59
C PRO A 376 -9.77 -13.98 -21.30
N PHE A 377 -9.32 -12.79 -21.70
CA PHE A 377 -10.05 -11.56 -21.43
C PHE A 377 -11.09 -11.20 -22.46
N CYS A 378 -10.75 -11.24 -23.75
CA CYS A 378 -11.67 -10.78 -24.78
C CYS A 378 -12.20 -11.87 -25.71
N ARG A 379 -11.68 -13.11 -25.59
CA ARG A 379 -12.04 -14.27 -26.40
C ARG A 379 -11.67 -14.14 -27.88
N CYS A 380 -10.73 -13.25 -28.22
CA CYS A 380 -10.30 -13.13 -29.61
C CYS A 380 -9.15 -14.08 -29.93
N GLU A 381 -9.04 -14.50 -31.19
CA GLU A 381 -8.00 -15.42 -31.64
C GLU A 381 -6.58 -14.96 -31.27
N ILE A 382 -5.78 -15.87 -30.71
CA ILE A 382 -4.41 -15.56 -30.40
C ILE A 382 -3.61 -15.83 -31.65
N LYS A 383 -3.33 -14.79 -32.42
CA LYS A 383 -2.51 -14.95 -33.62
C LYS A 383 -1.00 -15.16 -33.25
N GLY A 384 -0.61 -14.75 -32.05
CA GLY A 384 0.75 -14.89 -31.54
C GLY A 384 0.92 -14.26 -30.17
N THR A 385 2.05 -14.53 -29.52
CA THR A 385 2.37 -13.98 -28.20
C THR A 385 3.78 -13.36 -28.24
N GLU A 386 4.09 -12.50 -27.30
CA GLU A 386 5.39 -11.86 -27.21
C GLU A 386 5.77 -11.71 -25.73
N PRO A 387 7.00 -12.07 -25.34
CA PRO A 387 7.43 -11.85 -23.95
C PRO A 387 7.53 -10.34 -23.69
N ILE A 388 7.04 -9.87 -22.53
CA ILE A 388 7.11 -8.42 -22.22
C ILE A 388 7.35 -8.16 -20.74
N ILE A 389 7.81 -6.93 -20.42
CA ILE A 389 7.99 -6.54 -19.03
C ILE A 389 7.09 -5.35 -18.76
N VAL A 390 6.31 -5.43 -17.67
CA VAL A 390 5.38 -4.36 -17.35
C VAL A 390 5.76 -3.68 -16.03
N ASP A 391 5.51 -2.38 -15.98
CA ASP A 391 5.76 -1.53 -14.84
C ASP A 391 4.41 -1.05 -14.30
N PRO A 392 4.26 -0.88 -12.98
CA PRO A 392 3.00 -0.35 -12.42
C PRO A 392 2.46 0.94 -13.05
N PHE A 393 3.35 1.77 -13.60
CA PHE A 393 2.94 3.04 -14.18
C PHE A 393 2.81 2.98 -15.71
N ASP A 394 2.68 1.77 -16.28
CA ASP A 394 2.46 1.65 -17.73
C ASP A 394 0.99 1.99 -18.09
#